data_6G05
#
_entry.id   6G05
#
_cell.length_a   48.092
_cell.length_b   70.079
_cell.length_c   81.996
_cell.angle_alpha   90.000
_cell.angle_beta   101.580
_cell.angle_gamma   90.000
#
_symmetry.space_group_name_H-M   'P 1 21 1'
#
loop_
_entity.id
_entity.type
_entity.pdbx_description
1 polymer 'Nuclear receptor ROR-gamma'
2 polymer 'Nuclear receptor-interacting protein 1'
3 non-polymer 2-(4-ethylsulfonylphenyl)-~{N}-[4-phenyl-5-(phenylcarbonyl)-1,3-thiazol-2-yl]ethanamide
4 water water
#
loop_
_entity_poly.entity_id
_entity_poly.type
_entity_poly.pdbx_seq_one_letter_code
_entity_poly.pdbx_strand_id
1 'polypeptide(L)'
;GPYASLTEIEHLVQSVCKSYRETCQLRLEDLLRQRSNIFSREEVTGYQRKSMWEMWERCAHHLTEAIQYVVEFAKRLSGF
MELCQNDQIVLLKAGAMEVVLVRMCRAYNADNRTVFFEGKYGGMELFRALGCSELISSIFDFSHSLSALHFSEDEIALYT
ALVLINAHRPGLQEKRKVEQLQYNLELAFHHHLSKTHRQSILAKLPPKGKLRSLCSQHVERLQIFQHLHPIVVQAAFPPL
YKELFSTETESPVGLSK
;
A,B
2 'polypeptide(L)' NSHQKVTLLQLLLGHKNEEN P,Q
#
# COMPACT_ATOMS: atom_id res chain seq x y z
N TYR A 3 -31.01 6.16 28.08
CA TYR A 3 -30.45 7.19 28.99
C TYR A 3 -29.87 6.54 30.21
N ALA A 4 -28.56 6.34 30.22
CA ALA A 4 -27.88 5.71 31.35
C ALA A 4 -27.85 6.66 32.55
N SER A 5 -28.26 6.13 33.71
CA SER A 5 -28.23 6.87 34.97
C SER A 5 -26.79 6.96 35.47
N LEU A 6 -26.54 7.85 36.43
CA LEU A 6 -25.18 8.02 36.96
C LEU A 6 -24.61 6.74 37.52
N THR A 7 -25.48 5.89 38.07
CA THR A 7 -25.05 4.61 38.62
C THR A 7 -24.70 3.65 37.48
N GLU A 8 -25.51 3.64 36.43
CA GLU A 8 -25.25 2.82 35.25
C GLU A 8 -23.95 3.24 34.56
N ILE A 9 -23.71 4.56 34.50
CA ILE A 9 -22.45 5.12 33.99
C ILE A 9 -21.26 4.81 34.91
N GLU A 10 -21.51 4.78 36.21
CA GLU A 10 -20.45 4.45 37.15
C GLU A 10 -20.04 2.97 37.05
N HIS A 11 -21.00 2.09 36.85
CA HIS A 11 -20.67 0.68 36.76
C HIS A 11 -20.20 0.28 35.35
N LEU A 12 -20.36 1.18 34.38
CA LEU A 12 -19.76 0.99 33.07
C LEU A 12 -18.28 1.31 33.19
N VAL A 13 -17.97 2.36 33.95
CA VAL A 13 -16.58 2.71 34.26
C VAL A 13 -15.92 1.49 34.87
N GLN A 14 -16.59 0.91 35.86
CA GLN A 14 -16.09 -0.24 36.60
C GLN A 14 -15.75 -1.41 35.71
N SER A 15 -16.70 -1.79 34.84
CA SER A 15 -16.51 -2.96 33.99
C SER A 15 -15.42 -2.77 32.94
N VAL A 16 -15.24 -1.53 32.45
CA VAL A 16 -14.17 -1.20 31.51
C VAL A 16 -12.77 -1.27 32.16
N CYS A 17 -12.63 -0.65 33.33
CA CYS A 17 -11.34 -0.63 34.04
C CYS A 17 -10.91 -2.01 34.55
N LYS A 18 -11.90 -2.84 34.87
CA LYS A 18 -11.66 -4.23 35.25
C LYS A 18 -11.24 -5.07 34.05
N SER A 19 -11.98 -4.95 32.94
CA SER A 19 -11.66 -5.66 31.71
CA SER A 19 -11.66 -5.66 31.70
C SER A 19 -10.22 -5.35 31.27
N TYR A 20 -9.83 -4.08 31.36
CA TYR A 20 -8.49 -3.68 31.02
C TYR A 20 -7.44 -4.26 31.98
N ARG A 21 -7.68 -4.16 33.29
CA ARG A 21 -6.78 -4.77 34.29
C ARG A 21 -6.45 -6.23 33.98
N GLU A 22 -7.48 -6.99 33.63
CA GLU A 22 -7.38 -8.41 33.38
C GLU A 22 -6.71 -8.76 32.06
N THR A 23 -6.58 -7.81 31.15
CA THR A 23 -6.14 -8.08 29.78
C THR A 23 -4.99 -7.17 29.33
N CYS A 24 -4.33 -6.54 30.29
CA CYS A 24 -3.32 -5.53 29.93
C CYS A 24 -2.00 -6.08 29.46
N GLN A 25 -1.88 -7.42 29.42
CA GLN A 25 -0.71 -8.12 28.87
C GLN A 25 0.53 -8.02 29.74
N LEU A 26 1.19 -6.86 29.78
CA LEU A 26 2.24 -6.67 30.76
C LEU A 26 1.79 -5.70 31.83
N ARG A 27 2.12 -6.01 33.09
CA ARG A 27 1.91 -5.10 34.19
C ARG A 27 2.84 -3.92 33.99
N LEU A 28 2.37 -2.72 34.31
CA LEU A 28 3.12 -1.48 34.07
C LEU A 28 4.47 -1.48 34.78
N GLU A 29 4.50 -2.06 35.98
CA GLU A 29 5.71 -2.07 36.77
C GLU A 29 6.78 -2.98 36.16
N ASP A 30 6.37 -4.06 35.52
CA ASP A 30 7.31 -4.88 34.78
C ASP A 30 7.91 -4.13 33.58
N LEU A 31 7.12 -3.28 32.93
CA LEU A 31 7.65 -2.43 31.87
C LEU A 31 8.67 -1.40 32.40
N LEU A 32 8.30 -0.70 33.47
CA LEU A 32 9.17 0.32 34.05
C LEU A 32 10.48 -0.27 34.60
N ARG A 33 10.38 -1.42 35.25
CA ARG A 33 11.56 -2.15 35.76
C ARG A 33 12.60 -2.44 34.67
N GLN A 34 12.11 -2.77 33.47
CA GLN A 34 12.97 -3.14 32.36
C GLN A 34 13.60 -1.95 31.60
N ARG A 35 13.21 -0.73 31.97
CA ARG A 35 13.74 0.48 31.31
C ARG A 35 15.25 0.54 31.30
N SER A 36 15.88 0.01 32.34
CA SER A 36 17.33 -0.01 32.47
C SER A 36 18.01 -1.03 31.54
N ASN A 37 17.24 -1.98 31.04
CA ASN A 37 17.74 -3.00 30.12
C ASN A 37 17.64 -2.50 28.66
N ILE A 38 18.76 -2.08 28.11
CA ILE A 38 18.81 -1.43 26.80
C ILE A 38 19.73 -2.15 25.83
N PHE A 39 19.24 -2.37 24.62
CA PHE A 39 20.05 -3.01 23.57
C PHE A 39 21.37 -2.28 23.34
N SER A 40 22.48 -3.02 23.41
CA SER A 40 23.83 -2.48 23.19
C SER A 40 24.17 -2.33 21.71
N ARG A 41 25.23 -1.58 21.42
CA ARG A 41 25.67 -1.29 20.04
C ARG A 41 25.63 -2.52 19.12
N GLU A 42 26.31 -3.58 19.56
CA GLU A 42 26.42 -4.84 18.81
C GLU A 42 25.03 -5.42 18.58
N GLU A 43 24.22 -5.47 19.63
CA GLU A 43 22.83 -5.95 19.54
C GLU A 43 21.97 -5.16 18.54
N VAL A 44 22.06 -3.83 18.57
CA VAL A 44 21.34 -2.97 17.62
C VAL A 44 21.80 -3.19 16.16
N THR A 45 23.11 -3.36 15.98
CA THR A 45 23.70 -3.71 14.69
C THR A 45 23.18 -5.07 14.20
N GLY A 46 23.19 -6.05 15.10
CA GLY A 46 22.62 -7.38 14.85
C GLY A 46 21.22 -7.29 14.30
N TYR A 47 20.37 -6.49 14.93
CA TYR A 47 19.01 -6.28 14.47
C TYR A 47 18.98 -5.63 13.10
N GLN A 48 19.78 -4.60 12.91
CA GLN A 48 19.80 -3.88 11.65
C GLN A 48 20.19 -4.78 10.49
N ARG A 49 21.00 -5.79 10.79
CA ARG A 49 21.56 -6.66 9.78
C ARG A 49 20.71 -7.89 9.49
N LYS A 50 19.54 -7.98 10.13
CA LYS A 50 18.61 -9.09 9.90
C LYS A 50 17.97 -8.89 8.55
N SER A 51 17.52 -9.99 7.96
CA SER A 51 16.76 -9.87 6.76
C SER A 51 15.44 -9.20 7.10
N MET A 52 14.84 -8.59 6.08
CA MET A 52 13.52 -8.02 6.14
C MET A 52 12.48 -9.08 6.51
N TRP A 53 12.61 -10.26 5.89
CA TRP A 53 11.63 -11.32 6.12
C TRP A 53 11.61 -11.74 7.59
N GLU A 54 12.79 -11.78 8.20
CA GLU A 54 12.90 -12.24 9.59
C GLU A 54 12.43 -11.20 10.60
N MET A 55 12.76 -9.93 10.35
CA MET A 55 12.28 -8.82 11.17
C MET A 55 10.76 -8.69 11.11
N TRP A 56 10.17 -8.71 9.92
CA TRP A 56 8.70 -8.69 9.77
C TRP A 56 8.02 -9.86 10.49
N GLU A 57 8.60 -11.05 10.35
CA GLU A 57 8.02 -12.25 10.94
C GLU A 57 8.04 -12.18 12.47
N ARG A 58 9.13 -11.68 13.03
CA ARG A 58 9.20 -11.46 14.48
C ARG A 58 8.12 -10.48 14.92
N CYS A 59 8.01 -9.36 14.18
CA CYS A 59 7.08 -8.30 14.52
C CYS A 59 5.64 -8.78 14.40
N ALA A 60 5.36 -9.60 13.40
CA ALA A 60 4.03 -10.13 13.16
C ALA A 60 3.57 -10.94 14.36
N HIS A 61 4.49 -11.73 14.90
CA HIS A 61 4.24 -12.57 16.09
CA HIS A 61 4.19 -12.54 16.06
C HIS A 61 3.95 -11.69 17.31
N HIS A 62 4.82 -10.72 17.57
CA HIS A 62 4.64 -9.82 18.73
C HIS A 62 3.36 -9.02 18.67
N LEU A 63 2.97 -8.57 17.47
CA LEU A 63 1.69 -7.85 17.29
C LEU A 63 0.52 -8.78 17.47
N THR A 64 0.65 -10.01 17.00
CA THR A 64 -0.42 -10.97 17.13
C THR A 64 -0.68 -11.23 18.60
N GLU A 65 0.40 -11.43 19.36
CA GLU A 65 0.30 -11.62 20.80
C GLU A 65 -0.42 -10.43 21.48
N ALA A 66 0.01 -9.20 21.20
CA ALA A 66 -0.71 -7.99 21.68
C ALA A 66 -2.21 -8.00 21.31
N ILE A 67 -2.49 -8.31 20.05
CA ILE A 67 -3.87 -8.38 19.53
C ILE A 67 -4.73 -9.38 20.27
N GLN A 68 -4.18 -10.56 20.57
CA GLN A 68 -4.89 -11.56 21.38
C GLN A 68 -5.37 -10.99 22.71
N TYR A 69 -4.57 -10.14 23.36
CA TYR A 69 -5.02 -9.48 24.58
C TYR A 69 -6.15 -8.44 24.36
N VAL A 70 -6.10 -7.76 23.22
CA VAL A 70 -7.13 -6.79 22.83
C VAL A 70 -8.45 -7.50 22.55
N VAL A 71 -8.39 -8.63 21.85
CA VAL A 71 -9.60 -9.43 21.58
C VAL A 71 -10.26 -9.78 22.91
N GLU A 72 -9.45 -10.24 23.87
CA GLU A 72 -9.93 -10.56 25.20
C GLU A 72 -10.54 -9.36 25.92
N PHE A 73 -9.87 -8.20 25.85
CA PHE A 73 -10.37 -6.93 26.37
C PHE A 73 -11.78 -6.63 25.84
N ALA A 74 -11.94 -6.70 24.52
CA ALA A 74 -13.26 -6.53 23.88
C ALA A 74 -14.31 -7.56 24.36
N LYS A 75 -13.91 -8.83 24.41
CA LYS A 75 -14.81 -9.91 24.83
C LYS A 75 -15.38 -9.67 26.22
N ARG A 76 -14.58 -9.03 27.08
CA ARG A 76 -14.99 -8.74 28.44
C ARG A 76 -15.59 -7.34 28.58
N LEU A 77 -15.69 -6.63 27.46
CA LEU A 77 -16.19 -5.26 27.50
C LEU A 77 -17.71 -5.28 27.53
N SER A 78 -18.23 -4.59 28.53
CA SER A 78 -19.67 -4.47 28.77
C SER A 78 -20.23 -3.70 27.62
N GLY A 79 -21.17 -4.31 26.88
CA GLY A 79 -21.75 -3.67 25.72
C GLY A 79 -21.25 -4.22 24.40
N PHE A 80 -19.97 -4.59 24.34
CA PHE A 80 -19.37 -5.09 23.09
C PHE A 80 -20.02 -6.40 22.64
N MET A 81 -20.14 -7.34 23.56
CA MET A 81 -20.72 -8.64 23.24
C MET A 81 -22.22 -8.55 22.98
N GLU A 82 -22.82 -7.43 23.37
CA GLU A 82 -24.23 -7.21 23.09
C GLU A 82 -24.47 -6.69 21.66
N LEU A 83 -23.40 -6.27 20.97
CA LEU A 83 -23.49 -5.89 19.55
C LEU A 83 -23.64 -7.13 18.68
N CYS A 84 -24.08 -6.96 17.42
CA CYS A 84 -24.21 -8.11 16.52
C CYS A 84 -22.84 -8.64 16.09
N GLN A 85 -22.80 -9.91 15.69
CA GLN A 85 -21.54 -10.58 15.33
C GLN A 85 -20.76 -9.79 14.29
N ASN A 86 -21.44 -9.39 13.22
CA ASN A 86 -20.81 -8.61 12.16
C ASN A 86 -20.15 -7.36 12.71
N ASP A 87 -20.87 -6.63 13.56
CA ASP A 87 -20.35 -5.37 14.09
C ASP A 87 -19.17 -5.57 15.03
N GLN A 88 -19.19 -6.68 15.79
CA GLN A 88 -18.03 -7.07 16.61
C GLN A 88 -16.78 -7.24 15.74
N ILE A 89 -16.94 -7.97 14.62
CA ILE A 89 -15.83 -8.22 13.67
C ILE A 89 -15.35 -6.91 13.05
N VAL A 90 -16.30 -6.09 12.62
CA VAL A 90 -15.99 -4.81 12.00
C VAL A 90 -15.15 -3.95 12.92
N LEU A 91 -15.59 -3.78 14.17
CA LEU A 91 -14.84 -2.94 15.14
C LEU A 91 -13.46 -3.49 15.50
N LEU A 92 -13.38 -4.81 15.68
CA LEU A 92 -12.09 -5.43 15.99
C LEU A 92 -11.09 -5.36 14.83
N LYS A 93 -11.57 -5.65 13.62
CA LYS A 93 -10.74 -5.54 12.42
C LYS A 93 -10.18 -4.12 12.23
N ALA A 94 -11.00 -3.12 12.48
CA ALA A 94 -10.52 -1.74 12.31
C ALA A 94 -9.75 -1.24 13.53
N GLY A 95 -10.08 -1.74 14.71
CA GLY A 95 -9.60 -1.13 15.94
C GLY A 95 -8.57 -1.87 16.77
N ALA A 96 -8.39 -3.17 16.53
CA ALA A 96 -7.45 -3.96 17.34
C ALA A 96 -6.05 -3.34 17.32
N MET A 97 -5.55 -3.03 16.12
CA MET A 97 -4.21 -2.43 16.00
C MET A 97 -4.13 -1.06 16.66
N GLU A 98 -5.17 -0.25 16.48
CA GLU A 98 -5.26 1.07 17.08
C GLU A 98 -5.13 0.99 18.61
N VAL A 99 -5.87 0.07 19.21
CA VAL A 99 -5.78 -0.16 20.66
C VAL A 99 -4.33 -0.52 21.08
N VAL A 100 -3.74 -1.48 20.37
CA VAL A 100 -2.36 -1.92 20.63
C VAL A 100 -1.40 -0.75 20.60
N LEU A 101 -1.51 0.10 19.57
CA LEU A 101 -0.63 1.25 19.47
C LEU A 101 -0.78 2.21 20.66
N VAL A 102 -2.01 2.36 21.15
CA VAL A 102 -2.26 3.19 22.31
C VAL A 102 -1.64 2.54 23.56
N ARG A 103 -1.91 1.25 23.75
CA ARG A 103 -1.35 0.48 24.86
C ARG A 103 0.16 0.56 24.90
N MET A 104 0.80 0.57 23.73
CA MET A 104 2.25 0.54 23.64
C MET A 104 2.97 1.77 24.17
N CYS A 105 2.26 2.90 24.34
CA CYS A 105 2.90 4.09 24.92
C CYS A 105 3.40 3.80 26.35
N ARG A 106 2.75 2.83 27.00
CA ARG A 106 3.20 2.31 28.30
C ARG A 106 4.62 1.76 28.24
N ALA A 107 4.99 1.25 27.06
CA ALA A 107 6.29 0.61 26.85
C ALA A 107 7.28 1.54 26.15
N TYR A 108 6.89 2.80 26.00
CA TYR A 108 7.77 3.83 25.44
C TYR A 108 8.41 4.64 26.58
N ASN A 109 9.73 4.74 26.55
CA ASN A 109 10.48 5.52 27.51
C ASN A 109 10.87 6.85 26.86
N ALA A 110 10.17 7.91 27.24
CA ALA A 110 10.38 9.25 26.67
C ALA A 110 11.74 9.86 27.00
N ASP A 111 12.34 9.43 28.10
CA ASP A 111 13.63 9.97 28.54
C ASP A 111 14.80 9.66 27.61
N ASN A 112 14.88 8.42 27.13
CA ASN A 112 15.90 8.05 26.14
C ASN A 112 15.34 7.71 24.74
N ARG A 113 14.04 7.87 24.57
CA ARG A 113 13.32 7.67 23.31
C ARG A 113 13.44 6.23 22.77
N THR A 114 13.11 5.28 23.64
CA THR A 114 13.19 3.86 23.29
C THR A 114 11.87 3.14 23.53
N VAL A 115 11.72 1.97 22.92
CA VAL A 115 10.57 1.11 23.17
C VAL A 115 11.01 -0.28 23.65
N PHE A 116 10.16 -0.89 24.46
CA PHE A 116 10.37 -2.24 24.95
C PHE A 116 10.04 -3.25 23.85
N PHE A 117 11.07 -3.96 23.39
CA PHE A 117 10.97 -4.88 22.26
C PHE A 117 11.87 -6.07 22.49
N GLU A 118 11.29 -7.27 22.40
CA GLU A 118 12.05 -8.52 22.60
C GLU A 118 12.95 -8.49 23.83
N GLY A 119 12.42 -8.01 24.94
CA GLY A 119 13.07 -8.19 26.23
C GLY A 119 13.95 -7.06 26.70
N LYS A 120 14.16 -6.06 25.82
CA LYS A 120 15.00 -4.90 26.14
C LYS A 120 14.39 -3.63 25.52
N TYR A 121 14.98 -2.48 25.85
CA TYR A 121 14.57 -1.20 25.23
C TYR A 121 15.52 -0.81 24.10
N GLY A 122 14.95 -0.30 23.02
CA GLY A 122 15.74 0.14 21.87
C GLY A 122 15.10 1.30 21.14
N GLY A 123 15.94 2.10 20.48
CA GLY A 123 15.46 3.23 19.70
C GLY A 123 14.96 2.80 18.33
N MET A 124 14.45 3.76 17.57
CA MET A 124 13.75 3.45 16.31
C MET A 124 14.62 2.84 15.22
N GLU A 125 15.94 3.01 15.36
CA GLU A 125 16.91 2.52 14.39
C GLU A 125 17.06 0.99 14.50
N LEU A 126 16.77 0.44 15.68
CA LEU A 126 16.68 -1.01 15.89
C LEU A 126 15.86 -1.68 14.79
N PHE A 127 14.91 -0.91 14.25
CA PHE A 127 13.89 -1.44 13.37
C PHE A 127 14.15 -1.24 11.88
N ARG A 128 15.38 -0.86 11.53
CA ARG A 128 15.71 -0.50 10.15
C ARG A 128 15.42 -1.63 9.15
N ALA A 129 15.75 -2.88 9.53
CA ALA A 129 15.57 -4.05 8.66
C ALA A 129 14.17 -4.20 8.12
N LEU A 130 13.20 -3.59 8.80
CA LEU A 130 11.82 -3.63 8.33
C LEU A 130 11.63 -2.87 7.03
N GLY A 131 12.48 -1.89 6.76
CA GLY A 131 12.32 -1.04 5.56
C GLY A 131 11.06 -0.17 5.52
N CYS A 132 10.64 0.35 6.67
CA CYS A 132 9.57 1.35 6.73
C CYS A 132 9.87 2.36 7.85
N SER A 133 11.03 2.98 7.72
CA SER A 133 11.55 3.90 8.71
C SER A 133 10.63 5.10 8.94
N GLU A 134 9.93 5.54 7.89
CA GLU A 134 8.94 6.62 8.06
C GLU A 134 7.80 6.20 8.98
N LEU A 135 7.23 5.02 8.74
CA LEU A 135 6.20 4.49 9.64
C LEU A 135 6.72 4.35 11.06
N ILE A 136 7.93 3.80 11.23
CA ILE A 136 8.48 3.53 12.55
C ILE A 136 8.73 4.85 13.31
N SER A 137 9.32 5.81 12.62
CA SER A 137 9.56 7.11 13.22
C SER A 137 8.22 7.78 13.59
N SER A 138 7.19 7.60 12.76
CA SER A 138 5.84 8.12 13.07
C SER A 138 5.25 7.50 14.34
N ILE A 139 5.48 6.20 14.53
CA ILE A 139 5.02 5.51 15.74
C ILE A 139 5.77 5.98 16.98
N PHE A 140 7.08 6.18 16.87
CA PHE A 140 7.87 6.74 17.96
C PHE A 140 7.41 8.14 18.37
N ASP A 141 7.11 8.98 17.37
CA ASP A 141 6.54 10.32 17.58
C ASP A 141 5.17 10.26 18.25
N PHE A 142 4.34 9.30 17.80
CA PHE A 142 3.01 9.12 18.38
C PHE A 142 3.08 8.67 19.84
N SER A 143 3.95 7.70 20.14
CA SER A 143 4.11 7.24 21.50
C SER A 143 4.69 8.35 22.36
N HIS A 144 5.61 9.12 21.78
CA HIS A 144 6.17 10.27 22.48
C HIS A 144 5.07 11.24 22.88
N SER A 145 4.18 11.55 21.95
CA SER A 145 3.07 12.48 22.21
C SER A 145 2.08 11.96 23.26
N LEU A 146 1.84 10.65 23.28
CA LEU A 146 0.93 10.07 24.27
C LEU A 146 1.50 10.03 25.68
N SER A 147 2.81 9.82 25.80
CA SER A 147 3.44 9.75 27.12
C SER A 147 3.36 11.07 27.88
N ALA A 148 3.28 12.18 27.14
CA ALA A 148 3.20 13.50 27.75
C ALA A 148 1.83 13.78 28.39
N LEU A 149 0.85 12.91 28.14
CA LEU A 149 -0.45 13.03 28.78
C LEU A 149 -0.50 12.32 30.14
N HIS A 150 0.53 11.50 30.41
CA HIS A 150 0.66 10.72 31.64
C HIS A 150 -0.62 9.99 32.02
N PHE A 151 -1.16 9.26 31.06
CA PHE A 151 -2.34 8.43 31.29
C PHE A 151 -2.09 7.54 32.49
N SER A 152 -3.09 7.42 33.33
CA SER A 152 -3.12 6.35 34.31
C SER A 152 -3.59 5.10 33.58
N GLU A 153 -3.57 3.97 34.28
CA GLU A 153 -4.04 2.72 33.69
C GLU A 153 -5.54 2.75 33.45
N ASP A 154 -6.28 3.38 34.36
CA ASP A 154 -7.74 3.55 34.22
C ASP A 154 -8.10 4.41 33.01
N GLU A 155 -7.31 5.43 32.76
CA GLU A 155 -7.51 6.30 31.58
C GLU A 155 -7.24 5.55 30.28
N ILE A 156 -6.19 4.73 30.27
CA ILE A 156 -5.91 3.86 29.13
C ILE A 156 -7.09 2.92 28.89
N ALA A 157 -7.59 2.32 29.96
CA ALA A 157 -8.76 1.44 29.86
C ALA A 157 -9.89 2.19 29.16
N LEU A 158 -10.21 3.37 29.67
CA LEU A 158 -11.35 4.14 29.18
C LEU A 158 -11.12 4.69 27.77
N TYR A 159 -9.91 5.16 27.50
CA TYR A 159 -9.57 5.69 26.18
C TYR A 159 -9.52 4.60 25.10
N THR A 160 -9.00 3.42 25.46
CA THR A 160 -8.97 2.30 24.53
C THR A 160 -10.34 1.72 24.25
N ALA A 161 -11.21 1.73 25.26
CA ALA A 161 -12.60 1.33 25.02
C ALA A 161 -13.23 2.20 23.93
N LEU A 162 -12.92 3.50 23.97
CA LEU A 162 -13.46 4.45 23.01
C LEU A 162 -12.82 4.32 21.64
N VAL A 163 -11.52 4.02 21.62
CA VAL A 163 -10.80 3.76 20.37
C VAL A 163 -11.45 2.59 19.65
N LEU A 164 -11.80 1.57 20.43
CA LEU A 164 -12.49 0.40 19.91
C LEU A 164 -13.97 0.62 19.53
N ILE A 165 -14.73 1.27 20.40
CA ILE A 165 -16.16 1.48 20.16
C ILE A 165 -16.31 2.84 19.43
N ASN A 166 -16.23 2.76 18.10
CA ASN A 166 -16.17 3.92 17.24
C ASN A 166 -17.25 3.71 16.20
N ALA A 167 -18.31 4.52 16.30
CA ALA A 167 -19.47 4.38 15.43
C ALA A 167 -19.20 4.76 13.96
N HIS A 168 -18.04 5.33 13.69
CA HIS A 168 -17.70 5.80 12.33
C HIS A 168 -17.06 4.77 11.39
N ARG A 169 -16.90 3.53 11.85
CA ARG A 169 -16.34 2.46 11.01
C ARG A 169 -17.32 2.06 9.90
N PRO A 170 -16.83 1.94 8.66
CA PRO A 170 -17.66 1.46 7.56
C PRO A 170 -18.03 0.00 7.73
N GLY A 171 -19.23 -0.37 7.29
CA GLY A 171 -19.63 -1.77 7.23
C GLY A 171 -20.51 -2.28 8.36
N LEU A 172 -20.86 -1.39 9.29
CA LEU A 172 -21.72 -1.73 10.41
C LEU A 172 -23.17 -2.03 10.01
N GLN A 173 -23.72 -3.11 10.56
CA GLN A 173 -25.09 -3.50 10.29
C GLN A 173 -26.05 -2.78 11.25
N GLU A 174 -25.55 -2.38 12.42
CA GLU A 174 -26.38 -1.66 13.41
C GLU A 174 -25.67 -0.44 13.97
N LYS A 175 -25.48 0.52 13.09
CA LYS A 175 -24.79 1.75 13.39
C LYS A 175 -25.31 2.45 14.66
N ARG A 176 -26.63 2.48 14.83
CA ARG A 176 -27.27 3.14 15.99
C ARG A 176 -26.93 2.51 17.34
N LYS A 177 -26.94 1.17 17.41
CA LYS A 177 -26.51 0.49 18.66
C LYS A 177 -25.10 0.92 19.06
N VAL A 178 -24.18 0.95 18.10
CA VAL A 178 -22.80 1.34 18.36
C VAL A 178 -22.73 2.80 18.82
N GLU A 179 -23.56 3.65 18.21
CA GLU A 179 -23.62 5.06 18.60
C GLU A 179 -23.99 5.20 20.07
N GLN A 180 -24.97 4.41 20.52
CA GLN A 180 -25.43 4.48 21.89
C GLN A 180 -24.34 4.02 22.88
N LEU A 181 -23.66 2.91 22.55
CA LEU A 181 -22.59 2.40 23.41
C LEU A 181 -21.43 3.40 23.48
N GLN A 182 -21.07 3.94 22.33
CA GLN A 182 -20.00 4.93 22.26
C GLN A 182 -20.26 6.11 23.20
N TYR A 183 -21.47 6.67 23.16
CA TYR A 183 -21.84 7.83 24.00
C TYR A 183 -21.77 7.51 25.48
N ASN A 184 -22.35 6.35 25.85
CA ASN A 184 -22.27 5.87 27.23
C ASN A 184 -20.81 5.73 27.67
N LEU A 185 -19.95 5.30 26.76
CA LEU A 185 -18.51 5.22 27.06
C LEU A 185 -17.83 6.59 27.13
N GLU A 186 -18.26 7.53 26.28
CA GLU A 186 -17.81 8.92 26.37
C GLU A 186 -18.24 9.54 27.71
N LEU A 187 -19.50 9.30 28.09
CA LEU A 187 -20.00 9.71 29.40
C LEU A 187 -19.14 9.11 30.51
N ALA A 188 -18.91 7.79 30.42
CA ALA A 188 -18.07 7.07 31.37
C ALA A 188 -16.68 7.69 31.52
N PHE A 189 -16.03 7.94 30.37
CA PHE A 189 -14.70 8.58 30.34
C PHE A 189 -14.69 9.98 30.96
N HIS A 190 -15.72 10.77 30.63
CA HIS A 190 -15.83 12.11 31.19
C HIS A 190 -16.06 12.03 32.70
N HIS A 191 -17.01 11.18 33.08
CA HIS A 191 -17.34 10.99 34.50
C HIS A 191 -16.10 10.61 35.31
N HIS A 192 -15.27 9.70 34.79
CA HIS A 192 -14.03 9.32 35.49
C HIS A 192 -13.00 10.45 35.54
N LEU A 193 -12.88 11.19 34.44
CA LEU A 193 -11.93 12.30 34.40
C LEU A 193 -12.33 13.45 35.34
N SER A 194 -13.63 13.62 35.57
CA SER A 194 -14.11 14.67 36.49
C SER A 194 -13.70 14.43 37.95
N LYS A 195 -13.90 13.21 38.44
CA LYS A 195 -13.47 12.81 39.79
C LYS A 195 -12.01 13.15 40.05
N THR A 196 -11.15 12.57 39.23
CA THR A 196 -9.70 12.77 39.32
C THR A 196 -9.27 14.19 38.98
N HIS A 197 -10.24 15.04 38.59
CA HIS A 197 -9.95 16.37 38.03
C HIS A 197 -8.91 16.30 36.92
N ARG A 198 -9.21 15.50 35.89
CA ARG A 198 -8.23 15.22 34.83
C ARG A 198 -8.67 15.67 33.44
N GLN A 199 -9.82 16.35 33.36
CA GLN A 199 -10.46 16.67 32.09
C GLN A 199 -9.63 17.52 31.11
N SER A 200 -8.51 18.06 31.58
CA SER A 200 -7.65 18.90 30.75
C SER A 200 -6.75 18.11 29.78
N ILE A 201 -6.78 16.78 29.88
CA ILE A 201 -6.09 15.91 28.92
C ILE A 201 -6.89 15.76 27.62
N LEU A 202 -8.20 16.03 27.70
CA LEU A 202 -9.09 15.88 26.55
C LEU A 202 -8.67 16.70 25.33
N ALA A 203 -8.23 17.94 25.56
CA ALA A 203 -7.76 18.84 24.50
C ALA A 203 -6.36 18.49 24.00
N LYS A 204 -5.69 17.58 24.72
CA LYS A 204 -4.36 17.16 24.35
C LYS A 204 -4.36 15.74 23.77
N LEU A 205 -5.56 15.16 23.62
CA LEU A 205 -5.74 13.84 23.01
C LEU A 205 -5.39 13.87 21.51
N PRO A 206 -4.94 12.73 20.93
CA PRO A 206 -4.50 12.74 19.53
C PRO A 206 -5.64 13.14 18.61
N PRO A 207 -5.33 13.89 17.52
CA PRO A 207 -6.39 14.27 16.60
C PRO A 207 -7.12 13.03 16.09
N LYS A 208 -8.44 13.13 15.96
CA LYS A 208 -9.20 12.13 15.23
C LYS A 208 -8.48 11.88 13.89
N GLY A 209 -8.38 10.62 13.48
CA GLY A 209 -7.77 10.30 12.20
C GLY A 209 -6.32 9.88 12.29
N LYS A 210 -5.60 10.38 13.29
CA LYS A 210 -4.18 10.09 13.46
C LYS A 210 -3.89 8.59 13.69
N LEU A 211 -4.63 7.97 14.61
CA LEU A 211 -4.54 6.51 14.82
C LEU A 211 -4.91 5.70 13.59
N ARG A 212 -6.05 6.03 12.97
CA ARG A 212 -6.47 5.37 11.74
C ARG A 212 -5.40 5.50 10.65
N SER A 213 -4.74 6.66 10.63
CA SER A 213 -3.68 6.93 9.66
C SER A 213 -2.46 6.02 9.83
N LEU A 214 -1.97 5.91 11.08
CA LEU A 214 -0.89 4.99 11.41
C LEU A 214 -1.22 3.56 11.02
N CYS A 215 -2.44 3.13 11.30
CA CYS A 215 -2.85 1.77 10.99
C CYS A 215 -2.95 1.53 9.50
N SER A 216 -3.43 2.56 8.80
CA SER A 216 -3.43 2.55 7.33
C SER A 216 -2.05 2.41 6.73
N GLN A 217 -1.08 3.18 7.22
CA GLN A 217 0.31 3.05 6.77
C GLN A 217 0.84 1.63 6.98
N HIS A 218 0.54 1.06 8.16
CA HIS A 218 1.00 -0.28 8.51
C HIS A 218 0.51 -1.32 7.51
N VAL A 219 -0.80 -1.33 7.26
CA VAL A 219 -1.43 -2.23 6.29
C VAL A 219 -0.82 -2.07 4.90
N GLU A 220 -0.48 -0.82 4.55
CA GLU A 220 0.18 -0.53 3.27
C GLU A 220 1.63 -1.05 3.21
N ARG A 221 2.40 -0.90 4.29
CA ARG A 221 3.77 -1.44 4.31
C ARG A 221 3.82 -2.98 4.30
N LEU A 222 2.75 -3.61 4.78
CA LEU A 222 2.57 -5.08 4.73
C LEU A 222 2.18 -5.52 3.33
N GLN A 223 1.57 -4.62 2.57
CA GLN A 223 1.29 -4.90 1.19
C GLN A 223 2.59 -4.94 0.39
N ILE A 224 3.48 -3.99 0.63
CA ILE A 224 4.79 -3.96 -0.02
C ILE A 224 5.58 -5.22 0.34
N PHE A 225 5.60 -5.57 1.63
CA PHE A 225 6.38 -6.70 2.11
C PHE A 225 5.85 -8.03 1.55
N GLN A 226 4.55 -8.21 1.54
CA GLN A 226 3.92 -9.42 1.06
C GLN A 226 4.14 -9.68 -0.43
N HIS A 227 4.27 -8.61 -1.21
CA HIS A 227 4.63 -8.78 -2.61
C HIS A 227 6.07 -9.26 -2.75
N LEU A 228 6.95 -8.80 -1.86
CA LEU A 228 8.34 -9.22 -1.86
C LEU A 228 8.55 -10.64 -1.31
N HIS A 229 7.77 -11.03 -0.30
CA HIS A 229 7.89 -12.36 0.31
C HIS A 229 6.56 -13.04 0.57
N PRO A 230 5.82 -13.42 -0.49
CA PRO A 230 4.48 -13.98 -0.31
C PRO A 230 4.46 -15.34 0.39
N ILE A 231 5.52 -16.13 0.18
CA ILE A 231 5.64 -17.45 0.80
C ILE A 231 5.88 -17.37 2.31
N VAL A 232 6.75 -16.46 2.75
CA VAL A 232 7.01 -16.24 4.18
C VAL A 232 5.71 -15.89 4.92
N VAL A 233 4.92 -14.98 4.35
CA VAL A 233 3.67 -14.56 4.96
C VAL A 233 2.73 -15.76 5.07
N GLN A 234 2.64 -16.51 3.98
CA GLN A 234 1.77 -17.67 3.92
C GLN A 234 2.23 -18.80 4.85
N ALA A 235 3.53 -19.04 4.91
CA ALA A 235 4.06 -20.17 5.71
C ALA A 235 4.32 -19.86 7.19
N ALA A 236 4.67 -18.61 7.49
CA ALA A 236 5.20 -18.30 8.82
C ALA A 236 4.43 -17.24 9.64
N PHE A 237 3.57 -16.46 8.98
CA PHE A 237 2.83 -15.40 9.69
C PHE A 237 1.64 -15.99 10.43
N PRO A 238 1.34 -15.45 11.64
CA PRO A 238 0.14 -15.96 12.33
C PRO A 238 -1.11 -15.74 11.50
N PRO A 239 -1.95 -16.79 11.40
CA PRO A 239 -3.19 -16.69 10.63
C PRO A 239 -4.05 -15.48 11.04
N LEU A 240 -4.08 -15.18 12.34
CA LEU A 240 -4.86 -14.03 12.85
C LEU A 240 -4.39 -12.71 12.26
N TYR A 241 -3.08 -12.49 12.31
CA TYR A 241 -2.41 -11.34 11.71
C TYR A 241 -2.78 -11.21 10.24
N LYS A 242 -2.74 -12.33 9.52
CA LYS A 242 -3.11 -12.41 8.11
C LYS A 242 -4.57 -12.05 7.88
N GLU A 243 -5.47 -12.56 8.73
CA GLU A 243 -6.89 -12.24 8.66
C GLU A 243 -7.14 -10.74 8.88
N LEU A 244 -6.40 -10.16 9.81
CA LEU A 244 -6.59 -8.75 10.17
C LEU A 244 -5.98 -7.76 9.19
N PHE A 245 -4.74 -7.98 8.77
CA PHE A 245 -4.00 -6.98 8.00
C PHE A 245 -3.74 -7.30 6.53
N SER A 246 -3.93 -8.56 6.15
CA SER A 246 -3.69 -8.98 4.77
C SER A 246 -4.98 -8.88 3.94
N THR A 247 -4.83 -8.61 2.63
CA THR A 247 -5.98 -8.50 1.73
C THR A 247 -6.13 -9.74 0.82
N TYR B 3 16.68 -13.50 -42.69
CA TYR B 3 17.87 -13.80 -41.82
C TYR B 3 18.70 -12.54 -41.62
N ALA B 4 18.26 -11.69 -40.69
CA ALA B 4 18.88 -10.37 -40.48
C ALA B 4 20.39 -10.39 -40.20
N SER B 5 21.15 -9.59 -40.95
CA SER B 5 22.59 -9.47 -40.78
C SER B 5 22.92 -8.64 -39.53
N LEU B 6 24.16 -8.73 -39.06
CA LEU B 6 24.59 -7.92 -37.93
C LEU B 6 24.30 -6.42 -38.18
N THR B 7 24.58 -5.98 -39.40
CA THR B 7 24.30 -4.61 -39.86
C THR B 7 22.81 -4.25 -39.71
N GLU B 8 21.94 -5.08 -40.27
CA GLU B 8 20.50 -4.86 -40.19
C GLU B 8 19.99 -4.81 -38.76
N ILE B 9 20.48 -5.73 -37.93
CA ILE B 9 20.12 -5.75 -36.50
C ILE B 9 20.63 -4.49 -35.80
N GLU B 10 21.86 -4.07 -36.11
CA GLU B 10 22.41 -2.82 -35.58
C GLU B 10 21.55 -1.62 -35.94
N HIS B 11 21.11 -1.55 -37.19
CA HIS B 11 20.23 -0.46 -37.60
C HIS B 11 18.91 -0.54 -36.84
N LEU B 12 18.44 -1.77 -36.59
CA LEU B 12 17.17 -1.95 -35.89
C LEU B 12 17.26 -1.39 -34.49
N VAL B 13 18.40 -1.62 -33.82
CA VAL B 13 18.64 -1.04 -32.51
C VAL B 13 18.47 0.48 -32.57
N GLN B 14 19.13 1.13 -33.54
CA GLN B 14 19.11 2.60 -33.65
C GLN B 14 17.73 3.12 -33.95
N SER B 15 17.04 2.39 -34.82
CA SER B 15 15.67 2.64 -35.21
C SER B 15 14.71 2.61 -34.01
N VAL B 16 14.78 1.54 -33.22
CA VAL B 16 13.88 1.38 -32.07
C VAL B 16 14.16 2.44 -31.03
N CYS B 17 15.44 2.68 -30.77
CA CYS B 17 15.86 3.72 -29.85
C CYS B 17 15.42 5.11 -30.28
N LYS B 18 15.53 5.41 -31.57
CA LYS B 18 15.05 6.67 -32.13
C LYS B 18 13.56 6.83 -31.90
N SER B 19 12.79 5.81 -32.27
CA SER B 19 11.34 5.83 -32.15
C SER B 19 10.90 6.09 -30.70
N TYR B 20 11.60 5.45 -29.76
CA TYR B 20 11.34 5.62 -28.35
C TYR B 20 11.65 7.05 -27.90
N ARG B 21 12.83 7.54 -28.26
CA ARG B 21 13.22 8.92 -27.90
C ARG B 21 12.22 9.98 -28.36
N GLU B 22 11.63 9.76 -29.53
CA GLU B 22 10.69 10.71 -30.12
C GLU B 22 9.28 10.65 -29.52
N THR B 23 9.02 9.64 -28.69
CA THR B 23 7.67 9.37 -28.18
C THR B 23 7.66 9.06 -26.69
N CYS B 24 8.77 9.38 -26.01
CA CYS B 24 8.98 9.01 -24.62
C CYS B 24 8.16 9.83 -23.61
N GLN B 25 7.35 10.76 -24.12
CA GLN B 25 6.38 11.55 -23.34
C GLN B 25 7.01 12.65 -22.47
N LEU B 26 7.80 12.21 -21.50
CA LEU B 26 8.61 13.08 -20.65
C LEU B 26 10.06 12.64 -20.72
N ARG B 27 10.97 13.62 -20.75
CA ARG B 27 12.40 13.35 -20.76
C ARG B 27 12.82 12.84 -19.39
N LEU B 28 13.78 11.92 -19.38
CA LEU B 28 14.20 11.32 -18.12
C LEU B 28 14.75 12.36 -17.16
N GLU B 29 15.51 13.32 -17.69
CA GLU B 29 16.11 14.37 -16.85
C GLU B 29 15.06 15.27 -16.20
N ASP B 30 13.98 15.55 -16.92
CA ASP B 30 12.87 16.32 -16.36
C ASP B 30 12.23 15.59 -15.17
N LEU B 31 12.09 14.26 -15.29
CA LEU B 31 11.61 13.41 -14.21
C LEU B 31 12.55 13.40 -13.00
N LEU B 32 13.84 13.22 -13.26
CA LEU B 32 14.85 13.12 -12.20
C LEU B 32 15.00 14.43 -11.44
N ARG B 33 14.90 15.54 -12.18
CA ARG B 33 14.91 16.89 -11.63
C ARG B 33 13.77 17.12 -10.64
N GLN B 34 12.59 16.60 -10.99
CA GLN B 34 11.36 16.76 -10.21
C GLN B 34 11.30 15.90 -8.94
N ARG B 35 12.28 15.04 -8.73
CA ARG B 35 12.26 14.09 -7.60
C ARG B 35 12.29 14.72 -6.21
N SER B 36 12.78 15.95 -6.14
CA SER B 36 12.84 16.68 -4.88
C SER B 36 11.47 17.28 -4.56
N ASN B 37 10.66 17.44 -5.61
CA ASN B 37 9.31 18.02 -5.54
C ASN B 37 8.28 16.97 -5.05
N ILE B 38 8.10 16.89 -3.74
CA ILE B 38 7.25 15.88 -3.10
C ILE B 38 5.96 16.49 -2.52
N PHE B 39 4.84 15.78 -2.69
CA PHE B 39 3.56 16.24 -2.15
C PHE B 39 3.65 16.44 -0.64
N SER B 40 3.13 17.58 -0.18
CA SER B 40 3.12 17.89 1.25
C SER B 40 2.01 17.10 1.94
N ARG B 41 2.11 16.97 3.26
CA ARG B 41 1.11 16.23 4.03
C ARG B 41 -0.31 16.73 3.74
N GLU B 42 -0.44 18.06 3.67
CA GLU B 42 -1.74 18.67 3.44
C GLU B 42 -2.27 18.28 2.06
N GLU B 43 -1.38 18.22 1.08
CA GLU B 43 -1.72 17.78 -0.28
C GLU B 43 -2.13 16.31 -0.34
N VAL B 44 -1.39 15.46 0.37
CA VAL B 44 -1.67 14.02 0.46
C VAL B 44 -3.04 13.78 1.08
N THR B 45 -3.34 14.51 2.15
CA THR B 45 -4.63 14.47 2.80
C THR B 45 -5.75 14.87 1.84
N GLY B 46 -5.49 15.92 1.06
CA GLY B 46 -6.41 16.38 0.01
C GLY B 46 -6.73 15.27 -0.96
N TYR B 47 -5.71 14.54 -1.42
CA TYR B 47 -5.90 13.44 -2.38
C TYR B 47 -6.69 12.32 -1.76
N GLN B 48 -6.38 12.02 -0.50
CA GLN B 48 -7.07 10.94 0.21
C GLN B 48 -8.54 11.23 0.48
N ARG B 49 -8.89 12.51 0.60
CA ARG B 49 -10.30 12.91 0.79
C ARG B 49 -11.05 13.21 -0.51
N LYS B 50 -10.37 13.11 -1.66
CA LYS B 50 -11.07 13.23 -2.94
C LYS B 50 -12.08 12.08 -3.11
N SER B 51 -13.14 12.36 -3.87
CA SER B 51 -14.12 11.33 -4.22
C SER B 51 -13.47 10.26 -5.09
N MET B 52 -13.93 9.02 -4.93
CA MET B 52 -13.52 7.93 -5.81
C MET B 52 -13.67 8.29 -7.29
N TRP B 53 -14.79 8.94 -7.64
CA TRP B 53 -15.03 9.29 -9.05
C TRP B 53 -14.03 10.30 -9.61
N GLU B 54 -13.64 11.28 -8.80
CA GLU B 54 -12.72 12.33 -9.27
C GLU B 54 -11.32 11.77 -9.48
N MET B 55 -10.89 10.95 -8.52
CA MET B 55 -9.60 10.29 -8.60
C MET B 55 -9.49 9.32 -9.79
N TRP B 56 -10.52 8.52 -10.01
CA TRP B 56 -10.55 7.63 -11.17
C TRP B 56 -10.57 8.39 -12.50
N GLU B 57 -11.28 9.51 -12.52
CA GLU B 57 -11.34 10.34 -13.73
C GLU B 57 -9.96 10.95 -14.06
N ARG B 58 -9.27 11.45 -13.03
CA ARG B 58 -7.91 11.98 -13.21
C ARG B 58 -6.98 10.91 -13.74
N CYS B 59 -6.99 9.74 -13.11
CA CYS B 59 -6.17 8.61 -13.55
C CYS B 59 -6.42 8.17 -14.99
N ALA B 60 -7.70 8.10 -15.38
CA ALA B 60 -8.07 7.67 -16.71
C ALA B 60 -7.53 8.67 -17.74
N HIS B 61 -7.55 9.96 -17.38
CA HIS B 61 -6.96 11.01 -18.25
C HIS B 61 -5.43 10.85 -18.38
N HIS B 62 -4.73 10.65 -17.26
CA HIS B 62 -3.27 10.51 -17.29
C HIS B 62 -2.82 9.23 -18.03
N LEU B 63 -3.61 8.17 -17.87
CA LEU B 63 -3.29 6.91 -18.53
C LEU B 63 -3.51 7.02 -20.02
N THR B 64 -4.55 7.75 -20.43
CA THR B 64 -4.87 7.92 -21.84
C THR B 64 -3.78 8.72 -22.52
N GLU B 65 -3.27 9.73 -21.80
CA GLU B 65 -2.19 10.55 -22.29
C GLU B 65 -0.94 9.68 -22.53
N ALA B 66 -0.52 8.89 -21.54
CA ALA B 66 0.59 7.94 -21.68
C ALA B 66 0.33 6.90 -22.81
N ILE B 67 -0.91 6.44 -22.93
CA ILE B 67 -1.21 5.46 -23.99
C ILE B 67 -1.06 6.10 -25.37
N GLN B 68 -1.50 7.36 -25.50
CA GLN B 68 -1.35 8.08 -26.77
C GLN B 68 0.10 8.14 -27.26
N TYR B 69 1.04 8.36 -26.34
CA TYR B 69 2.46 8.32 -26.70
C TYR B 69 2.91 6.91 -27.11
N VAL B 70 2.36 5.90 -26.47
CA VAL B 70 2.67 4.50 -26.83
C VAL B 70 2.14 4.16 -28.22
N VAL B 71 1.00 4.72 -28.58
CA VAL B 71 0.42 4.50 -29.90
C VAL B 71 1.35 5.13 -30.96
N GLU B 72 1.86 6.31 -30.64
CA GLU B 72 2.80 7.02 -31.50
C GLU B 72 4.11 6.22 -31.68
N PHE B 73 4.61 5.65 -30.60
CA PHE B 73 5.78 4.77 -30.58
C PHE B 73 5.60 3.60 -31.54
N ALA B 74 4.44 2.94 -31.44
CA ALA B 74 4.11 1.82 -32.30
C ALA B 74 4.12 2.24 -33.76
N LYS B 75 3.46 3.35 -34.06
CA LYS B 75 3.38 3.88 -35.42
C LYS B 75 4.75 4.19 -36.04
N ARG B 76 5.70 4.60 -35.20
CA ARG B 76 7.09 4.83 -35.62
C ARG B 76 7.94 3.56 -35.59
N LEU B 77 7.42 2.48 -34.99
CA LEU B 77 8.24 1.30 -34.75
C LEU B 77 8.45 0.49 -36.01
N SER B 78 9.72 0.20 -36.29
CA SER B 78 10.13 -0.58 -37.45
C SER B 78 9.30 -1.85 -37.61
N GLY B 79 8.57 -1.96 -38.72
CA GLY B 79 7.81 -3.16 -39.04
C GLY B 79 6.39 -3.26 -38.49
N PHE B 80 6.05 -2.39 -37.53
CA PHE B 80 4.73 -2.44 -36.91
C PHE B 80 3.65 -2.06 -37.92
N MET B 81 3.85 -0.95 -38.62
CA MET B 81 2.86 -0.50 -39.60
C MET B 81 2.82 -1.39 -40.86
N GLU B 82 3.79 -2.31 -40.96
CA GLU B 82 3.81 -3.32 -42.02
C GLU B 82 2.87 -4.47 -41.69
N LEU B 83 2.44 -4.55 -40.44
CA LEU B 83 1.48 -5.57 -40.03
C LEU B 83 0.10 -5.21 -40.57
N CYS B 84 -0.76 -6.22 -40.71
CA CYS B 84 -2.12 -5.96 -41.16
C CYS B 84 -2.90 -5.22 -40.06
N GLN B 85 -3.95 -4.51 -40.47
CA GLN B 85 -4.74 -3.67 -39.56
C GLN B 85 -5.25 -4.42 -38.33
N ASN B 86 -5.75 -5.63 -38.52
CA ASN B 86 -6.24 -6.45 -37.41
C ASN B 86 -5.15 -6.72 -36.38
N ASP B 87 -3.93 -6.99 -36.87
CA ASP B 87 -2.81 -7.35 -36.01
C ASP B 87 -2.24 -6.15 -35.25
N GLN B 88 -2.22 -4.99 -35.91
CA GLN B 88 -1.84 -3.75 -35.23
C GLN B 88 -2.76 -3.52 -34.02
N ILE B 89 -4.06 -3.73 -34.22
CA ILE B 89 -5.07 -3.52 -33.18
C ILE B 89 -4.97 -4.54 -32.07
N VAL B 90 -4.74 -5.81 -32.43
CA VAL B 90 -4.56 -6.87 -31.44
C VAL B 90 -3.37 -6.57 -30.51
N LEU B 91 -2.24 -6.17 -31.10
CA LEU B 91 -1.04 -5.86 -30.34
C LEU B 91 -1.19 -4.65 -29.42
N LEU B 92 -1.76 -3.56 -29.94
CA LEU B 92 -1.96 -2.37 -29.12
C LEU B 92 -3.00 -2.56 -28.00
N LYS B 93 -4.07 -3.29 -28.31
CA LYS B 93 -5.14 -3.54 -27.35
C LYS B 93 -4.61 -4.32 -26.15
N ALA B 94 -3.78 -5.32 -26.40
CA ALA B 94 -3.14 -6.08 -25.33
C ALA B 94 -1.91 -5.37 -24.70
N GLY B 95 -1.16 -4.64 -25.53
CA GLY B 95 0.17 -4.18 -25.14
C GLY B 95 0.29 -2.75 -24.67
N ALA B 96 -0.62 -1.87 -25.09
CA ALA B 96 -0.53 -0.44 -24.77
C ALA B 96 -0.31 -0.22 -23.27
N MET B 97 -1.21 -0.77 -22.46
CA MET B 97 -1.11 -0.66 -21.00
C MET B 97 0.17 -1.26 -20.43
N GLU B 98 0.62 -2.38 -20.98
CA GLU B 98 1.86 -3.02 -20.52
C GLU B 98 3.06 -2.13 -20.78
N VAL B 99 3.13 -1.53 -21.97
CA VAL B 99 4.23 -0.59 -22.28
C VAL B 99 4.24 0.62 -21.30
N VAL B 100 3.05 1.15 -21.00
CA VAL B 100 2.92 2.29 -20.11
C VAL B 100 3.43 1.91 -18.71
N LEU B 101 3.04 0.72 -18.25
CA LEU B 101 3.50 0.23 -16.95
C LEU B 101 5.03 0.06 -16.87
N VAL B 102 5.62 -0.41 -17.97
CA VAL B 102 7.07 -0.49 -18.01
C VAL B 102 7.69 0.91 -18.06
N ARG B 103 7.23 1.75 -19.01
CA ARG B 103 7.69 3.14 -19.09
C ARG B 103 7.65 3.87 -17.74
N MET B 104 6.59 3.64 -16.98
CA MET B 104 6.36 4.35 -15.72
C MET B 104 7.42 4.13 -14.67
N CYS B 105 8.14 3.02 -14.76
CA CYS B 105 9.27 2.82 -13.83
C CYS B 105 10.27 3.98 -13.88
N ARG B 106 10.27 4.75 -14.97
CA ARG B 106 11.12 5.94 -15.11
C ARG B 106 10.70 7.04 -14.15
N ALA B 107 9.40 7.09 -13.88
CA ALA B 107 8.81 8.09 -13.00
C ALA B 107 8.78 7.59 -11.54
N TYR B 108 9.42 6.46 -11.30
CA TYR B 108 9.43 5.86 -9.96
C TYR B 108 10.78 6.10 -9.26
N ASN B 109 10.71 6.65 -8.04
CA ASN B 109 11.88 6.93 -7.22
C ASN B 109 11.96 5.88 -6.11
N ALA B 110 12.86 4.92 -6.27
CA ALA B 110 12.96 3.75 -5.37
C ALA B 110 13.49 4.07 -3.97
N ASP B 111 14.15 5.22 -3.83
CA ASP B 111 14.70 5.64 -2.53
C ASP B 111 13.62 5.93 -1.50
N ASN B 112 12.59 6.69 -1.91
CA ASN B 112 11.46 7.00 -1.02
C ASN B 112 10.13 6.33 -1.42
N ARG B 113 10.19 5.43 -2.40
CA ARG B 113 9.00 4.71 -2.91
C ARG B 113 7.87 5.65 -3.33
N THR B 114 8.20 6.63 -4.17
CA THR B 114 7.22 7.58 -4.67
C THR B 114 7.18 7.60 -6.18
N VAL B 115 6.04 8.00 -6.73
CA VAL B 115 5.84 8.09 -8.16
C VAL B 115 5.53 9.53 -8.56
N PHE B 116 5.89 9.91 -9.78
CA PHE B 116 5.54 11.22 -10.32
C PHE B 116 4.09 11.13 -10.78
N PHE B 117 3.28 12.03 -10.23
CA PHE B 117 1.85 12.03 -10.49
C PHE B 117 1.36 13.45 -10.31
N GLU B 118 0.75 14.01 -11.34
CA GLU B 118 0.15 15.35 -11.29
C GLU B 118 1.13 16.44 -10.81
N GLY B 119 2.36 16.35 -11.32
CA GLY B 119 3.34 17.41 -11.13
C GLY B 119 4.29 17.26 -9.97
N LYS B 120 4.01 16.31 -9.07
CA LYS B 120 4.88 16.05 -7.91
C LYS B 120 5.05 14.55 -7.64
N TYR B 121 5.94 14.20 -6.72
CA TYR B 121 6.13 12.83 -6.29
C TYR B 121 5.32 12.49 -5.06
N GLY B 122 4.75 11.28 -5.05
CA GLY B 122 3.91 10.85 -3.95
C GLY B 122 3.96 9.36 -3.77
N GLY B 123 3.74 8.91 -2.52
CA GLY B 123 3.77 7.50 -2.21
C GLY B 123 2.45 6.80 -2.50
N MET B 124 2.40 5.50 -2.22
CA MET B 124 1.17 4.73 -2.50
C MET B 124 -0.07 5.21 -1.73
N GLU B 125 0.14 5.85 -0.60
CA GLU B 125 -0.96 6.40 0.20
C GLU B 125 -1.70 7.54 -0.52
N LEU B 126 -1.13 8.07 -1.61
CA LEU B 126 -1.78 9.15 -2.36
C LEU B 126 -3.06 8.65 -3.04
N PHE B 127 -3.12 7.33 -3.26
CA PHE B 127 -4.11 6.75 -4.17
C PHE B 127 -5.26 6.02 -3.46
N ARG B 128 -5.35 6.18 -2.14
CA ARG B 128 -6.36 5.50 -1.35
C ARG B 128 -7.79 5.68 -1.82
N ALA B 129 -8.10 6.87 -2.35
CA ALA B 129 -9.47 7.15 -2.81
C ALA B 129 -9.92 6.28 -3.98
N LEU B 130 -8.98 5.70 -4.74
CA LEU B 130 -9.38 4.82 -5.84
C LEU B 130 -10.10 3.57 -5.34
N GLY B 131 -9.87 3.19 -4.09
CA GLY B 131 -10.43 1.96 -3.51
C GLY B 131 -9.93 0.70 -4.19
N CYS B 132 -8.63 0.65 -4.53
CA CYS B 132 -8.06 -0.53 -5.16
C CYS B 132 -6.61 -0.75 -4.69
N SER B 133 -6.44 -1.02 -3.40
CA SER B 133 -5.11 -1.05 -2.80
C SER B 133 -4.24 -2.19 -3.33
N GLU B 134 -4.84 -3.37 -3.51
CA GLU B 134 -4.14 -4.51 -4.11
C GLU B 134 -3.49 -4.17 -5.46
N LEU B 135 -4.29 -3.60 -6.38
CA LEU B 135 -3.76 -3.09 -7.65
C LEU B 135 -2.65 -2.07 -7.41
N ILE B 136 -2.94 -1.04 -6.62
CA ILE B 136 -1.93 -0.01 -6.34
C ILE B 136 -0.62 -0.60 -5.77
N SER B 137 -0.73 -1.48 -4.76
CA SER B 137 0.46 -2.15 -4.22
C SER B 137 1.22 -2.96 -5.27
N SER B 138 0.49 -3.70 -6.11
CA SER B 138 1.11 -4.51 -7.15
C SER B 138 1.88 -3.66 -8.14
N ILE B 139 1.37 -2.47 -8.43
CA ILE B 139 2.03 -1.57 -9.38
C ILE B 139 3.31 -1.00 -8.76
N PHE B 140 3.24 -0.58 -7.51
CA PHE B 140 4.43 -0.09 -6.80
C PHE B 140 5.48 -1.21 -6.67
N ASP B 141 5.04 -2.43 -6.42
CA ASP B 141 5.95 -3.58 -6.35
C ASP B 141 6.64 -3.84 -7.69
N PHE B 142 5.86 -3.77 -8.77
CA PHE B 142 6.38 -3.92 -10.13
C PHE B 142 7.38 -2.85 -10.52
N SER B 143 7.03 -1.58 -10.29
CA SER B 143 7.95 -0.47 -10.56
C SER B 143 9.25 -0.57 -9.75
N HIS B 144 9.11 -1.00 -8.49
CA HIS B 144 10.29 -1.19 -7.65
C HIS B 144 11.22 -2.29 -8.19
N SER B 145 10.65 -3.40 -8.62
CA SER B 145 11.46 -4.50 -9.12
C SER B 145 12.14 -4.14 -10.45
N LEU B 146 11.50 -3.30 -11.26
CA LEU B 146 12.11 -2.79 -12.49
C LEU B 146 13.22 -1.77 -12.28
N SER B 147 13.04 -0.88 -11.32
CA SER B 147 14.04 0.15 -11.04
C SER B 147 15.33 -0.42 -10.47
N ALA B 148 15.23 -1.60 -9.86
CA ALA B 148 16.39 -2.36 -9.38
C ALA B 148 17.34 -2.78 -10.51
N LEU B 149 16.83 -2.73 -11.74
CA LEU B 149 17.60 -3.11 -12.93
C LEU B 149 18.36 -1.95 -13.53
N HIS B 150 17.99 -0.74 -13.09
CA HIS B 150 18.56 0.51 -13.59
C HIS B 150 18.65 0.54 -15.11
N PHE B 151 17.52 0.26 -15.77
CA PHE B 151 17.40 0.35 -17.24
C PHE B 151 17.91 1.69 -17.74
N SER B 152 18.70 1.66 -18.82
CA SER B 152 18.97 2.88 -19.57
C SER B 152 17.75 3.18 -20.45
N GLU B 153 17.74 4.36 -21.08
CA GLU B 153 16.67 4.72 -21.99
C GLU B 153 16.61 3.78 -23.20
N ASP B 154 17.78 3.34 -23.66
CA ASP B 154 17.90 2.41 -24.79
C ASP B 154 17.33 1.03 -24.45
N GLU B 155 17.57 0.59 -23.22
CA GLU B 155 17.12 -0.70 -22.75
C GLU B 155 15.59 -0.71 -22.62
N ILE B 156 15.03 0.39 -22.13
CA ILE B 156 13.58 0.58 -22.09
C ILE B 156 13.00 0.55 -23.48
N ALA B 157 13.65 1.25 -24.42
CA ALA B 157 13.22 1.25 -25.81
C ALA B 157 13.08 -0.18 -26.38
N LEU B 158 14.12 -0.97 -26.24
CA LEU B 158 14.18 -2.30 -26.82
C LEU B 158 13.21 -3.26 -26.11
N TYR B 159 13.16 -3.16 -24.81
CA TYR B 159 12.28 -4.01 -24.01
C TYR B 159 10.80 -3.71 -24.29
N THR B 160 10.44 -2.42 -24.38
CA THR B 160 9.03 -2.08 -24.66
C THR B 160 8.65 -2.45 -26.10
N ALA B 161 9.58 -2.37 -27.06
CA ALA B 161 9.30 -2.88 -28.41
C ALA B 161 8.90 -4.37 -28.31
N LEU B 162 9.59 -5.12 -27.46
CA LEU B 162 9.30 -6.54 -27.26
C LEU B 162 8.00 -6.80 -26.49
N VAL B 163 7.70 -5.93 -25.53
CA VAL B 163 6.43 -6.03 -24.80
C VAL B 163 5.29 -5.88 -25.83
N LEU B 164 5.47 -4.95 -26.76
CA LEU B 164 4.47 -4.69 -27.79
C LEU B 164 4.40 -5.78 -28.87
N ILE B 165 5.55 -6.09 -29.49
CA ILE B 165 5.59 -7.07 -30.58
C ILE B 165 5.65 -8.47 -29.96
N ASN B 166 4.47 -8.98 -29.63
CA ASN B 166 4.35 -10.24 -28.91
C ASN B 166 3.48 -11.20 -29.72
N ALA B 167 4.12 -12.22 -30.29
CA ALA B 167 3.47 -13.09 -31.28
C ALA B 167 2.49 -14.07 -30.64
N HIS B 168 2.44 -14.07 -29.31
CA HIS B 168 1.55 -14.97 -28.60
C HIS B 168 0.16 -14.40 -28.27
N ARG B 169 -0.11 -13.17 -28.69
CA ARG B 169 -1.44 -12.56 -28.46
C ARG B 169 -2.51 -13.26 -29.30
N PRO B 170 -3.62 -13.69 -28.66
CA PRO B 170 -4.71 -14.30 -29.41
C PRO B 170 -5.32 -13.34 -30.43
N GLY B 171 -5.70 -13.85 -31.60
CA GLY B 171 -6.40 -13.04 -32.59
C GLY B 171 -5.53 -12.47 -33.69
N LEU B 172 -4.24 -12.82 -33.67
CA LEU B 172 -3.32 -12.42 -34.73
C LEU B 172 -3.59 -13.25 -35.99
N GLN B 173 -3.76 -12.55 -37.11
CA GLN B 173 -3.89 -13.21 -38.40
C GLN B 173 -2.54 -13.66 -38.91
N GLU B 174 -1.66 -12.72 -39.23
CA GLU B 174 -0.33 -13.02 -39.76
C GLU B 174 0.67 -13.28 -38.62
N LYS B 175 0.42 -14.35 -37.86
CA LYS B 175 1.23 -14.71 -36.71
C LYS B 175 2.71 -14.87 -37.07
N ARG B 176 2.98 -15.46 -38.23
CA ARG B 176 4.35 -15.68 -38.71
C ARG B 176 5.08 -14.36 -38.96
N LYS B 177 4.38 -13.40 -39.58
CA LYS B 177 4.91 -12.06 -39.78
C LYS B 177 5.30 -11.42 -38.44
N VAL B 178 4.44 -11.56 -37.42
CA VAL B 178 4.71 -11.04 -36.07
C VAL B 178 5.91 -11.72 -35.42
N GLU B 179 5.98 -13.04 -35.55
CA GLU B 179 7.11 -13.83 -35.01
C GLU B 179 8.46 -13.37 -35.53
N GLN B 180 8.52 -13.02 -36.82
CA GLN B 180 9.77 -12.58 -37.45
C GLN B 180 10.27 -11.25 -36.87
N LEU B 181 9.36 -10.27 -36.76
CA LEU B 181 9.72 -8.97 -36.17
C LEU B 181 10.15 -9.14 -34.71
N GLN B 182 9.41 -9.96 -33.97
CA GLN B 182 9.70 -10.23 -32.58
C GLN B 182 11.09 -10.84 -32.42
N TYR B 183 11.41 -11.76 -33.32
CA TYR B 183 12.69 -12.46 -33.28
C TYR B 183 13.82 -11.47 -33.54
N ASN B 184 13.66 -10.66 -34.59
CA ASN B 184 14.63 -9.63 -34.90
C ASN B 184 14.82 -8.63 -33.78
N LEU B 185 13.72 -8.30 -33.08
CA LEU B 185 13.80 -7.42 -31.91
C LEU B 185 14.49 -8.07 -30.72
N GLU B 186 14.29 -9.39 -30.55
CA GLU B 186 15.01 -10.16 -29.55
CA GLU B 186 15.01 -10.15 -29.54
C GLU B 186 16.53 -10.15 -29.84
N LEU B 187 16.88 -10.33 -31.11
CA LEU B 187 18.30 -10.27 -31.53
C LEU B 187 18.87 -8.88 -31.28
N ALA B 188 18.10 -7.84 -31.64
CA ALA B 188 18.49 -6.46 -31.41
C ALA B 188 18.73 -6.17 -29.92
N PHE B 189 17.81 -6.65 -29.08
CA PHE B 189 17.91 -6.48 -27.62
C PHE B 189 19.11 -7.24 -27.09
N HIS B 190 19.30 -8.47 -27.54
CA HIS B 190 20.43 -9.28 -27.09
C HIS B 190 21.77 -8.67 -27.50
N HIS B 191 21.82 -8.17 -28.74
CA HIS B 191 23.01 -7.53 -29.30
C HIS B 191 23.41 -6.27 -28.52
N HIS B 192 22.42 -5.44 -28.22
CA HIS B 192 22.66 -4.22 -27.46
C HIS B 192 23.18 -4.52 -26.05
N LEU B 193 22.56 -5.47 -25.36
CA LEU B 193 22.96 -5.82 -24.00
C LEU B 193 24.41 -6.33 -23.91
N SER B 194 24.82 -7.13 -24.90
CA SER B 194 26.19 -7.65 -24.98
C SER B 194 27.24 -6.54 -25.03
N LYS B 195 26.92 -5.46 -25.75
CA LYS B 195 27.79 -4.29 -25.86
C LYS B 195 28.24 -3.72 -24.51
N THR B 196 27.47 -3.94 -23.45
CA THR B 196 27.90 -3.57 -22.11
C THR B 196 27.83 -4.75 -21.13
N HIS B 197 27.85 -5.96 -21.67
CA HIS B 197 27.66 -7.20 -20.91
C HIS B 197 26.45 -7.11 -19.96
N ARG B 198 25.51 -6.23 -20.31
CA ARG B 198 24.28 -6.03 -19.54
C ARG B 198 23.31 -7.21 -19.69
N GLN B 199 23.76 -8.29 -20.32
CA GLN B 199 22.91 -9.47 -20.52
C GLN B 199 22.54 -10.15 -19.19
N SER B 200 23.16 -9.72 -18.10
CA SER B 200 22.84 -10.19 -16.76
C SER B 200 21.41 -9.83 -16.32
N ILE B 201 20.88 -8.75 -16.89
CA ILE B 201 19.52 -8.31 -16.56
C ILE B 201 18.43 -9.20 -17.16
N LEU B 202 18.77 -9.94 -18.22
CA LEU B 202 17.81 -10.80 -18.93
C LEU B 202 17.02 -11.76 -18.02
N ALA B 203 17.73 -12.40 -17.10
CA ALA B 203 17.10 -13.34 -16.16
C ALA B 203 16.43 -12.63 -14.98
N LYS B 204 16.73 -11.34 -14.83
CA LYS B 204 16.17 -10.54 -13.75
C LYS B 204 14.96 -9.73 -14.21
N LEU B 205 14.49 -10.01 -15.43
CA LEU B 205 13.29 -9.39 -15.97
C LEU B 205 12.05 -10.07 -15.40
N PRO B 206 10.96 -9.30 -15.17
CA PRO B 206 9.78 -9.93 -14.58
C PRO B 206 9.19 -10.98 -15.53
N PRO B 207 8.53 -12.03 -15.00
CA PRO B 207 7.81 -12.96 -15.86
C PRO B 207 6.60 -12.29 -16.50
N LYS B 208 6.20 -12.73 -17.69
CA LYS B 208 5.12 -12.10 -18.47
C LYS B 208 3.74 -12.23 -17.79
N GLY B 209 3.70 -13.10 -16.77
CA GLY B 209 2.53 -13.22 -15.91
C GLY B 209 2.26 -11.93 -15.15
N LYS B 210 3.32 -11.32 -14.58
CA LYS B 210 3.15 -10.10 -13.78
C LYS B 210 2.47 -8.98 -14.57
N LEU B 211 2.97 -8.70 -15.78
CA LEU B 211 2.37 -7.66 -16.63
C LEU B 211 0.90 -7.92 -16.95
N ARG B 212 0.58 -9.13 -17.44
CA ARG B 212 -0.81 -9.45 -17.72
C ARG B 212 -1.68 -9.38 -16.48
N SER B 213 -1.15 -9.84 -15.34
CA SER B 213 -1.82 -9.72 -14.05
C SER B 213 -2.16 -8.26 -13.69
N LEU B 214 -1.19 -7.36 -13.79
CA LEU B 214 -1.43 -5.93 -13.53
C LEU B 214 -2.55 -5.40 -14.44
N CYS B 215 -2.49 -5.75 -15.72
CA CYS B 215 -3.48 -5.33 -16.72
C CYS B 215 -4.88 -5.89 -16.47
N SER B 216 -4.95 -7.16 -16.10
CA SER B 216 -6.23 -7.80 -15.76
C SER B 216 -6.84 -7.21 -14.50
N GLN B 217 -6.01 -6.95 -13.48
CA GLN B 217 -6.48 -6.28 -12.26
C GLN B 217 -7.07 -4.91 -12.56
N HIS B 218 -6.37 -4.14 -13.42
CA HIS B 218 -6.86 -2.83 -13.80
C HIS B 218 -8.25 -2.90 -14.41
N VAL B 219 -8.43 -3.82 -15.37
CA VAL B 219 -9.71 -4.03 -16.01
C VAL B 219 -10.80 -4.41 -15.00
N GLU B 220 -10.45 -5.28 -14.04
CA GLU B 220 -11.40 -5.71 -13.00
C GLU B 220 -11.82 -4.57 -12.10
N ARG B 221 -10.83 -3.78 -11.67
CA ARG B 221 -11.10 -2.67 -10.77
C ARG B 221 -11.89 -1.57 -11.46
N LEU B 222 -11.69 -1.40 -12.77
CA LEU B 222 -12.56 -0.53 -13.54
C LEU B 222 -14.01 -1.02 -13.61
N GLN B 223 -14.24 -2.33 -13.72
CA GLN B 223 -15.61 -2.90 -13.71
C GLN B 223 -16.30 -2.55 -12.40
N ILE B 224 -15.58 -2.73 -11.30
CA ILE B 224 -16.05 -2.38 -9.96
C ILE B 224 -16.39 -0.88 -9.84
N PHE B 225 -15.50 -0.02 -10.33
CA PHE B 225 -15.77 1.41 -10.32
C PHE B 225 -16.99 1.77 -11.16
N GLN B 226 -17.12 1.15 -12.33
CA GLN B 226 -18.21 1.48 -13.26
C GLN B 226 -19.58 1.06 -12.68
N HIS B 227 -19.58 0.01 -11.88
CA HIS B 227 -20.80 -0.41 -11.20
C HIS B 227 -21.29 0.73 -10.29
N LEU B 228 -20.36 1.34 -9.55
CA LEU B 228 -20.69 2.39 -8.61
C LEU B 228 -20.99 3.71 -9.31
N HIS B 229 -20.31 3.97 -10.43
CA HIS B 229 -20.36 5.29 -11.08
C HIS B 229 -20.47 5.21 -12.61
N PRO B 230 -21.59 4.63 -13.11
CA PRO B 230 -21.72 4.37 -14.57
C PRO B 230 -21.79 5.61 -15.44
N ILE B 231 -22.42 6.66 -14.95
CA ILE B 231 -22.55 7.93 -15.67
C ILE B 231 -21.21 8.66 -15.80
N VAL B 232 -20.40 8.62 -14.75
CA VAL B 232 -19.07 9.27 -14.79
C VAL B 232 -18.23 8.73 -15.96
N VAL B 233 -18.18 7.40 -16.10
CA VAL B 233 -17.45 6.78 -17.22
C VAL B 233 -17.95 7.31 -18.59
N GLN B 234 -19.27 7.25 -18.79
CA GLN B 234 -19.90 7.77 -19.99
C GLN B 234 -19.60 9.23 -20.28
N ALA B 235 -19.68 10.06 -19.24
CA ALA B 235 -19.60 11.52 -19.43
C ALA B 235 -18.19 12.07 -19.45
N ALA B 236 -17.30 11.47 -18.66
CA ALA B 236 -16.05 12.15 -18.27
C ALA B 236 -14.77 11.44 -18.69
N PHE B 237 -14.84 10.12 -18.85
CA PHE B 237 -13.67 9.32 -19.21
C PHE B 237 -13.32 9.44 -20.69
N PRO B 238 -12.01 9.51 -21.02
CA PRO B 238 -11.63 9.58 -22.44
C PRO B 238 -12.19 8.40 -23.20
N PRO B 239 -12.72 8.65 -24.41
CA PRO B 239 -13.29 7.57 -25.21
C PRO B 239 -12.34 6.43 -25.53
N LEU B 240 -11.06 6.72 -25.83
CA LEU B 240 -10.04 5.69 -26.04
C LEU B 240 -9.93 4.76 -24.82
N TYR B 241 -9.92 5.36 -23.63
CA TYR B 241 -9.77 4.61 -22.37
C TYR B 241 -10.92 3.63 -22.19
N LYS B 242 -12.14 4.13 -22.38
CA LYS B 242 -13.33 3.32 -22.35
C LYS B 242 -13.20 2.20 -23.40
N GLU B 243 -12.83 2.56 -24.63
CA GLU B 243 -12.58 1.56 -25.69
C GLU B 243 -11.58 0.44 -25.29
N LEU B 244 -10.46 0.81 -24.68
CA LEU B 244 -9.44 -0.17 -24.35
C LEU B 244 -9.77 -1.05 -23.12
N PHE B 245 -10.45 -0.49 -22.12
CA PHE B 245 -10.52 -1.12 -20.79
C PHE B 245 -11.88 -1.49 -20.26
N SER B 246 -12.93 -0.90 -20.82
CA SER B 246 -14.30 -1.15 -20.36
C SER B 246 -14.78 -2.52 -20.82
N THR B 247 -15.42 -3.26 -19.93
CA THR B 247 -15.90 -4.60 -20.25
C THR B 247 -17.38 -4.71 -19.93
N THR C 7 -14.31 -17.78 10.38
CA THR C 7 -13.03 -16.99 10.49
C THR C 7 -12.44 -17.06 11.91
N LEU C 8 -11.18 -16.66 12.03
CA LEU C 8 -10.47 -16.66 13.31
C LEU C 8 -11.07 -15.69 14.34
N LEU C 9 -11.36 -14.46 13.92
CA LEU C 9 -12.02 -13.52 14.82
C LEU C 9 -13.32 -14.10 15.37
N GLN C 10 -14.09 -14.74 14.49
CA GLN C 10 -15.32 -15.42 14.88
C GLN C 10 -15.03 -16.51 15.90
N LEU C 11 -14.03 -17.35 15.63
CA LEU C 11 -13.59 -18.36 16.60
C LEU C 11 -13.13 -17.76 17.93
N LEU C 12 -12.27 -16.75 17.86
CA LEU C 12 -11.78 -16.13 19.08
C LEU C 12 -12.93 -15.53 19.88
N LEU C 13 -13.97 -15.10 19.17
CA LEU C 13 -15.13 -14.47 19.81
C LEU C 13 -16.20 -15.45 20.30
N GLY C 14 -16.35 -16.60 19.62
CA GLY C 14 -17.33 -17.61 20.04
C GLY C 14 -18.63 -17.66 19.23
N THR D 7 -12.84 2.14 -35.14
CA THR D 7 -12.62 2.35 -33.68
C THR D 7 -11.60 3.44 -33.45
N LEU D 8 -11.46 3.88 -32.21
CA LEU D 8 -10.53 4.96 -31.88
C LEU D 8 -9.08 4.56 -32.15
N LEU D 9 -8.72 3.31 -31.86
CA LEU D 9 -7.38 2.82 -32.16
C LEU D 9 -7.10 2.84 -33.66
N GLN D 10 -8.07 2.39 -34.44
CA GLN D 10 -8.00 2.45 -35.90
C GLN D 10 -7.71 3.88 -36.35
N LEU D 11 -8.55 4.81 -35.89
CA LEU D 11 -8.42 6.22 -36.23
C LEU D 11 -7.05 6.80 -35.86
N LEU D 12 -6.59 6.49 -34.66
CA LEU D 12 -5.28 6.97 -34.20
C LEU D 12 -4.13 6.42 -35.04
N LEU D 13 -4.33 5.21 -35.56
CA LEU D 13 -3.36 4.53 -36.43
C LEU D 13 -3.49 4.96 -37.89
N GLY D 14 -4.64 5.51 -38.25
CA GLY D 14 -4.88 5.99 -39.63
C GLY D 14 -5.38 4.92 -40.58
#